data_9E6S
#
_entry.id   9E6S
#
_cell.length_a   59.464
_cell.length_b   59.464
_cell.length_c   246.988
_cell.angle_alpha   90.000
_cell.angle_beta   90.000
_cell.angle_gamma   90.000
#
_symmetry.space_group_name_H-M   'P 41 21 2'
#
loop_
_entity.id
_entity.type
_entity.pdbx_description
1 polymer 'B-cell lymphoma/leukemia 11A'
2 polymer 'DNA Strand I'
3 polymer 'DNA Strand II'
4 non-polymer 1,2-ETHANEDIOL
5 non-polymer 'ZINC ION'
6 water water
#
loop_
_entity_poly.entity_id
_entity_poly.type
_entity_poly.pdbx_seq_one_letter_code
_entity_poly.pdbx_strand_id
1 'polypeptide(L)'
;GSPGRPSSKEGRRSDTCEYCGKVFKNCSNLTVHRRSHTGERPYKCELCNYACAQSSTLTRHMKTHGQVGKDVYKCEICKM
PFSVYSTLEKHMKKWHSDRVLNNDIKTE
;
A,D
2 'polydeoxyribonucleotide' (DA)(DA)(DT)(DG)(DA)(DA)(DT)(DC)(DT)(DA)(DT)(DT)(DG)(DG)(DT)(DC)(DA)(DA)(DG)(DG) B
3 'polydeoxyribonucleotide' (DC)(DC)(DT)(DT)(DG)(DA)(DC)(DC)(DA)(DA)(DT)(DA)(DG)(DA)(DT)(DT)(DC)(DA)(DT) C
#
# COMPACT_ATOMS: atom_id res chain seq x y z
N ARG A 12 -34.90 -6.89 -9.79
CA ARG A 12 -35.93 -6.61 -8.78
C ARG A 12 -35.66 -7.40 -7.50
N ARG A 13 -34.48 -8.02 -7.42
CA ARG A 13 -34.10 -8.84 -6.28
C ARG A 13 -33.12 -8.13 -5.35
N SER A 14 -32.97 -6.80 -5.48
CA SER A 14 -32.05 -6.01 -4.66
C SER A 14 -30.62 -6.53 -4.76
N ASP A 15 -30.19 -6.78 -6.00
CA ASP A 15 -28.85 -7.29 -6.27
C ASP A 15 -27.92 -6.23 -6.87
N THR A 16 -28.36 -4.98 -6.96
CA THR A 16 -27.61 -3.93 -7.65
C THR A 16 -27.26 -2.81 -6.68
N CYS A 17 -26.01 -2.37 -6.76
CA CYS A 17 -25.56 -1.27 -5.91
C CYS A 17 -26.23 0.03 -6.31
N GLU A 18 -26.76 0.75 -5.32
CA GLU A 18 -27.44 1.99 -5.59
C GLU A 18 -26.48 3.12 -5.94
N TYR A 19 -25.20 2.98 -5.57
CA TYR A 19 -24.22 4.04 -5.79
C TYR A 19 -23.41 3.87 -7.06
N CYS A 20 -23.03 2.63 -7.41
CA CYS A 20 -22.22 2.39 -8.60
C CYS A 20 -22.90 1.52 -9.65
N GLY A 21 -23.90 0.73 -9.27
CA GLY A 21 -24.58 -0.14 -10.22
C GLY A 21 -24.00 -1.54 -10.34
N LYS A 22 -23.10 -1.93 -9.47
CA LYS A 22 -22.53 -3.28 -9.55
C LYS A 22 -23.58 -4.32 -9.15
N VAL A 23 -23.67 -5.38 -9.92
CA VAL A 23 -24.62 -6.45 -9.68
C VAL A 23 -23.92 -7.62 -8.99
N PHE A 24 -24.63 -8.29 -8.10
CA PHE A 24 -24.07 -9.39 -7.33
C PHE A 24 -24.98 -10.61 -7.46
N LYS A 25 -24.37 -11.78 -7.52
CA LYS A 25 -25.10 -13.03 -7.45
C LYS A 25 -25.42 -13.45 -6.02
N ASN A 26 -24.93 -12.70 -5.03
CA ASN A 26 -25.24 -12.95 -3.63
C ASN A 26 -25.53 -11.60 -2.97
N CYS A 27 -26.79 -11.39 -2.59
CA CYS A 27 -27.22 -10.08 -2.11
C CYS A 27 -26.48 -9.68 -0.86
N SER A 28 -26.06 -10.65 -0.06
CA SER A 28 -25.26 -10.32 1.12
C SER A 28 -23.96 -9.65 0.73
N ASN A 29 -23.39 -10.01 -0.42
CA ASN A 29 -22.18 -9.32 -0.88
C ASN A 29 -22.46 -7.85 -1.16
N LEU A 30 -23.69 -7.52 -1.58
CA LEU A 30 -24.01 -6.11 -1.79
C LEU A 30 -23.94 -5.34 -0.49
N THR A 31 -24.35 -5.96 0.61
CA THR A 31 -24.39 -5.27 1.90
C THR A 31 -22.99 -4.83 2.34
N VAL A 32 -22.01 -5.72 2.21
CA VAL A 32 -20.65 -5.34 2.58
C VAL A 32 -20.10 -4.34 1.57
N HIS A 33 -20.34 -4.58 0.27
CA HIS A 33 -19.81 -3.71 -0.77
C HIS A 33 -20.29 -2.28 -0.58
N ARG A 34 -21.58 -2.11 -0.24
CA ARG A 34 -22.15 -0.78 -0.15
C ARG A 34 -21.42 0.09 0.86
N ARG A 35 -20.81 -0.52 1.88
CA ARG A 35 -20.15 0.27 2.91
C ARG A 35 -18.92 1.01 2.38
N SER A 36 -18.32 0.54 1.29
CA SER A 36 -17.23 1.30 0.68
C SER A 36 -17.73 2.62 0.11
N HIS A 37 -19.02 2.70 -0.22
CA HIS A 37 -19.64 3.95 -0.65
C HIS A 37 -20.12 4.79 0.52
N THR A 38 -20.61 4.15 1.59
CA THR A 38 -21.15 4.88 2.72
C THR A 38 -20.12 5.17 3.80
N GLY A 39 -18.98 4.50 3.76
CA GLY A 39 -17.98 4.68 4.81
C GLY A 39 -18.35 4.02 6.12
N GLU A 40 -19.45 3.28 6.16
CA GLU A 40 -19.85 2.61 7.38
C GLU A 40 -18.87 1.50 7.73
N ARG A 41 -18.46 1.44 8.99
CA ARG A 41 -17.51 0.44 9.47
C ARG A 41 -17.97 -0.06 10.83
N PRO A 42 -18.95 -0.97 10.84
CA PRO A 42 -19.54 -1.38 12.12
C PRO A 42 -18.64 -2.27 12.96
N TYR A 43 -17.72 -3.02 12.34
CA TYR A 43 -16.89 -3.97 13.09
C TYR A 43 -15.65 -3.23 13.60
N LYS A 44 -15.67 -2.88 14.88
CA LYS A 44 -14.58 -2.12 15.49
C LYS A 44 -13.75 -3.05 16.37
N CYS A 45 -12.44 -3.03 16.17
CA CYS A 45 -11.56 -3.86 16.98
C CYS A 45 -11.54 -3.41 18.43
N GLU A 46 -11.50 -4.37 19.34
CA GLU A 46 -11.46 -4.07 20.77
C GLU A 46 -10.06 -3.83 21.29
N LEU A 47 -9.03 -4.03 20.47
CA LEU A 47 -7.66 -3.91 20.91
C LEU A 47 -6.91 -2.75 20.27
N CYS A 48 -7.52 -2.08 19.31
CA CYS A 48 -6.97 -0.87 18.73
C CYS A 48 -8.13 -0.13 18.08
N ASN A 49 -7.83 0.94 17.35
CA ASN A 49 -8.86 1.74 16.70
C ASN A 49 -9.20 1.26 15.30
N TYR A 50 -8.80 0.04 14.95
CA TYR A 50 -9.14 -0.51 13.64
C TYR A 50 -10.66 -0.71 13.54
N ALA A 51 -11.17 -0.57 12.33
CA ALA A 51 -12.59 -0.76 12.07
C ALA A 51 -12.76 -1.11 10.61
N CYS A 52 -13.55 -2.15 10.33
CA CYS A 52 -13.76 -2.63 8.97
C CYS A 52 -15.23 -2.85 8.72
N ALA A 53 -15.56 -3.11 7.46
CA ALA A 53 -16.92 -3.28 7.00
C ALA A 53 -17.32 -4.74 6.84
N GLN A 54 -16.41 -5.68 7.09
CA GLN A 54 -16.67 -7.10 6.91
C GLN A 54 -16.25 -7.85 8.16
N SER A 55 -17.15 -8.71 8.67
CA SER A 55 -16.95 -9.37 9.94
C SER A 55 -15.68 -10.22 9.93
N SER A 56 -15.50 -11.02 8.89
CA SER A 56 -14.32 -11.89 8.82
C SER A 56 -13.04 -11.11 8.60
N THR A 57 -13.12 -9.89 8.09
CA THR A 57 -11.93 -9.04 8.03
C THR A 57 -11.45 -8.68 9.43
N LEU A 58 -12.37 -8.30 10.31
CA LEU A 58 -12.00 -8.06 11.71
C LEU A 58 -11.46 -9.32 12.34
N THR A 59 -12.04 -10.48 11.99
CA THR A 59 -11.48 -11.74 12.46
C THR A 59 -10.02 -11.87 12.02
N ARG A 60 -9.73 -11.52 10.77
CA ARG A 60 -8.35 -11.63 10.29
C ARG A 60 -7.44 -10.65 11.03
N HIS A 61 -7.88 -9.39 11.16
CA HIS A 61 -7.06 -8.37 11.81
C HIS A 61 -6.68 -8.77 13.22
N MET A 62 -7.60 -9.44 13.93
CA MET A 62 -7.33 -9.86 15.29
C MET A 62 -6.18 -10.85 15.38
N LYS A 63 -5.87 -11.55 14.27
CA LYS A 63 -4.69 -12.41 14.28
C LYS A 63 -3.41 -11.60 14.46
N THR A 64 -3.40 -10.32 14.05
CA THR A 64 -2.21 -9.51 14.28
C THR A 64 -1.99 -9.20 15.75
N HIS A 65 -3.01 -9.37 16.59
CA HIS A 65 -2.85 -9.09 18.03
C HIS A 65 -2.38 -10.30 18.82
N GLY A 66 -2.55 -11.52 18.30
CA GLY A 66 -2.10 -12.69 19.03
C GLY A 66 -2.57 -13.96 18.35
N GLN A 67 -2.06 -15.07 18.86
CA GLN A 67 -2.38 -16.42 18.37
C GLN A 67 -2.95 -17.24 19.52
N VAL A 68 -3.27 -18.50 19.23
CA VAL A 68 -3.80 -19.39 20.26
C VAL A 68 -2.78 -19.58 21.37
N GLY A 69 -1.56 -19.95 21.00
CA GLY A 69 -0.44 -19.94 21.92
C GLY A 69 0.60 -18.93 21.46
N LYS A 70 1.69 -19.45 20.90
CA LYS A 70 2.76 -18.64 20.29
C LYS A 70 3.31 -17.69 21.36
N ASP A 71 3.65 -16.46 20.99
CA ASP A 71 4.15 -15.47 21.94
C ASP A 71 3.54 -14.13 21.58
N VAL A 72 3.35 -13.29 22.59
CA VAL A 72 2.70 -12.00 22.41
C VAL A 72 3.61 -10.91 22.96
N TYR A 73 3.84 -9.88 22.16
CA TYR A 73 4.55 -8.67 22.58
C TYR A 73 3.51 -7.59 22.87
N LYS A 74 3.63 -6.96 24.04
CA LYS A 74 2.71 -5.91 24.45
C LYS A 74 3.43 -4.58 24.50
N CYS A 75 2.78 -3.54 23.97
CA CYS A 75 3.36 -2.20 24.01
C CYS A 75 3.59 -1.78 25.46
N GLU A 76 4.79 -1.26 25.73
CA GLU A 76 5.16 -0.92 27.10
C GLU A 76 4.27 0.17 27.67
N ILE A 77 3.77 1.07 26.82
CA ILE A 77 3.02 2.23 27.30
C ILE A 77 1.53 1.91 27.41
N CYS A 78 0.91 1.55 26.29
CA CYS A 78 -0.54 1.38 26.24
C CYS A 78 -0.97 -0.08 26.37
N LYS A 79 -0.04 -1.01 26.56
CA LYS A 79 -0.35 -2.43 26.77
C LYS A 79 -1.13 -3.03 25.61
N MET A 80 -0.91 -2.53 24.39
CA MET A 80 -1.54 -3.11 23.20
C MET A 80 -0.77 -4.34 22.75
N PRO A 81 -1.43 -5.48 22.54
CA PRO A 81 -0.72 -6.71 22.19
C PRO A 81 -0.48 -6.84 20.69
N PHE A 82 0.66 -7.44 20.35
CA PHE A 82 1.05 -7.69 18.97
C PHE A 82 1.64 -9.07 18.84
N SER A 83 1.44 -9.68 17.66
CA SER A 83 2.07 -10.95 17.36
C SER A 83 3.36 -10.81 16.57
N VAL A 84 3.59 -9.67 15.92
CA VAL A 84 4.77 -9.44 15.10
C VAL A 84 5.54 -8.26 15.69
N TYR A 85 6.81 -8.48 16.02
CA TYR A 85 7.59 -7.44 16.68
C TYR A 85 7.74 -6.20 15.80
N SER A 86 7.97 -6.40 14.50
CA SER A 86 8.15 -5.25 13.62
C SER A 86 6.90 -4.37 13.62
N THR A 87 5.72 -4.99 13.68
CA THR A 87 4.48 -4.21 13.81
C THR A 87 4.48 -3.41 15.10
N LEU A 88 4.92 -4.02 16.20
CA LEU A 88 5.02 -3.30 17.46
C LEU A 88 5.94 -2.10 17.33
N GLU A 89 7.09 -2.28 16.65
CA GLU A 89 8.01 -1.15 16.46
C GLU A 89 7.34 -0.03 15.68
N LYS A 90 6.61 -0.36 14.61
CA LYS A 90 5.88 0.67 13.87
C LYS A 90 4.87 1.36 14.76
N HIS A 91 4.16 0.59 15.61
CA HIS A 91 3.21 1.18 16.53
C HIS A 91 3.92 2.13 17.49
N MET A 92 5.06 1.71 18.03
CA MET A 92 5.80 2.55 18.97
C MET A 92 6.16 3.89 18.33
N LYS A 93 6.70 3.86 17.11
CA LYS A 93 7.05 5.10 16.43
C LYS A 93 5.80 5.92 16.14
N LYS A 94 4.70 5.27 15.74
CA LYS A 94 3.51 6.02 15.32
C LYS A 94 2.87 6.73 16.50
N TRP A 95 2.76 6.07 17.64
CA TRP A 95 1.99 6.61 18.75
C TRP A 95 2.85 7.17 19.88
N HIS A 96 4.05 6.64 20.07
CA HIS A 96 4.85 6.96 21.25
C HIS A 96 6.20 7.53 20.81
N SER A 97 6.23 8.84 20.54
CA SER A 97 7.44 9.55 20.19
C SER A 97 8.00 10.36 21.36
N ASP A 98 7.51 10.12 22.57
CA ASP A 98 7.93 10.89 23.74
C ASP A 98 8.55 10.00 24.81
N ASP D 15 3.29 -21.33 -1.78
CA ASP D 15 3.84 -21.72 -3.08
C ASP D 15 5.35 -21.48 -3.12
N THR D 16 5.99 -21.96 -4.19
CA THR D 16 7.44 -21.94 -4.29
C THR D 16 7.91 -21.01 -5.41
N CYS D 17 9.06 -20.39 -5.19
CA CYS D 17 9.68 -19.53 -6.19
C CYS D 17 10.39 -20.37 -7.24
N GLU D 18 10.21 -19.99 -8.50
CA GLU D 18 10.83 -20.74 -9.60
C GLU D 18 12.34 -20.55 -9.61
N TYR D 19 12.79 -19.29 -9.55
CA TYR D 19 14.22 -19.00 -9.74
C TYR D 19 15.00 -19.15 -8.44
N CYS D 20 14.67 -18.32 -7.44
CA CYS D 20 15.39 -18.38 -6.17
C CYS D 20 15.16 -19.71 -5.45
N GLY D 21 13.93 -20.21 -5.50
CA GLY D 21 13.55 -21.31 -4.65
C GLY D 21 13.13 -20.91 -3.27
N LYS D 22 13.30 -19.64 -2.89
CA LYS D 22 12.85 -19.17 -1.60
C LYS D 22 11.34 -19.18 -1.55
N VAL D 23 10.79 -19.80 -0.50
CA VAL D 23 9.35 -19.92 -0.34
C VAL D 23 8.92 -18.95 0.74
N PHE D 24 7.80 -18.27 0.50
CA PHE D 24 7.24 -17.37 1.49
C PHE D 24 5.78 -17.73 1.73
N LYS D 25 5.31 -17.38 2.92
CA LYS D 25 3.94 -17.60 3.34
C LYS D 25 2.94 -16.75 2.56
N ASN D 26 3.42 -15.81 1.73
CA ASN D 26 2.57 -14.84 1.07
C ASN D 26 2.72 -14.98 -0.44
N CYS D 27 1.64 -15.36 -1.13
CA CYS D 27 1.70 -15.47 -2.59
C CYS D 27 1.77 -14.11 -3.25
N SER D 28 1.15 -13.09 -2.65
CA SER D 28 1.24 -11.75 -3.21
C SER D 28 2.68 -11.24 -3.22
N ASN D 29 3.39 -11.45 -2.11
CA ASN D 29 4.80 -11.02 -2.06
C ASN D 29 5.65 -11.83 -3.04
N LEU D 30 5.34 -13.11 -3.23
CA LEU D 30 6.07 -13.91 -4.20
C LEU D 30 5.89 -13.36 -5.61
N THR D 31 4.67 -12.93 -5.94
CA THR D 31 4.43 -12.35 -7.26
C THR D 31 5.30 -11.13 -7.49
N VAL D 32 5.48 -10.30 -6.46
CA VAL D 32 6.40 -9.16 -6.54
C VAL D 32 7.84 -9.64 -6.70
N HIS D 33 8.24 -10.64 -5.92
CA HIS D 33 9.61 -11.13 -5.97
C HIS D 33 9.95 -11.68 -7.35
N ARG D 34 9.02 -12.42 -7.96
CA ARG D 34 9.27 -12.97 -9.29
C ARG D 34 9.54 -11.87 -10.32
N ARG D 35 9.06 -10.65 -10.06
CA ARG D 35 9.33 -9.57 -11.00
C ARG D 35 10.80 -9.19 -11.03
N SER D 36 11.51 -9.36 -9.91
CA SER D 36 12.94 -9.06 -9.88
C SER D 36 13.71 -9.96 -10.84
N HIS D 37 13.35 -11.26 -10.88
CA HIS D 37 13.95 -12.15 -11.85
C HIS D 37 13.49 -11.82 -13.27
N THR D 38 12.16 -11.67 -13.46
CA THR D 38 11.62 -11.45 -14.78
C THR D 38 11.85 -10.04 -15.31
N GLY D 39 12.07 -9.06 -14.43
CA GLY D 39 12.26 -7.69 -14.85
C GLY D 39 10.99 -6.96 -15.22
N GLU D 40 9.82 -7.58 -15.04
CA GLU D 40 8.56 -6.92 -15.35
C GLU D 40 8.33 -5.75 -14.41
N ARG D 41 7.85 -4.65 -14.97
CA ARG D 41 7.58 -3.41 -14.23
C ARG D 41 6.22 -2.90 -14.67
N PRO D 42 5.14 -3.52 -14.19
CA PRO D 42 3.80 -3.13 -14.67
C PRO D 42 3.42 -1.69 -14.38
N TYR D 43 3.85 -1.13 -13.26
CA TYR D 43 3.39 0.19 -12.83
C TYR D 43 4.30 1.26 -13.44
N LYS D 44 3.74 2.05 -14.35
CA LYS D 44 4.47 3.01 -15.16
C LYS D 44 4.14 4.43 -14.75
N CYS D 45 5.16 5.27 -14.61
CA CYS D 45 4.91 6.68 -14.27
C CYS D 45 4.29 7.40 -15.46
N GLU D 46 3.34 8.30 -15.17
CA GLU D 46 2.65 9.08 -16.18
C GLU D 46 3.42 10.31 -16.61
N LEU D 47 4.57 10.59 -15.99
CA LEU D 47 5.36 11.77 -16.30
C LEU D 47 6.72 11.48 -16.90
N CYS D 48 7.22 10.25 -16.78
CA CYS D 48 8.52 9.93 -17.35
C CYS D 48 8.52 8.47 -17.75
N ASN D 49 9.70 7.93 -18.04
CA ASN D 49 9.84 6.56 -18.47
C ASN D 49 9.99 5.58 -17.31
N TYR D 50 9.88 6.05 -16.07
CA TYR D 50 10.10 5.18 -14.93
C TYR D 50 8.98 4.17 -14.77
N ALA D 51 9.36 2.94 -14.42
CA ALA D 51 8.43 1.85 -14.16
C ALA D 51 9.01 0.97 -13.07
N CYS D 52 8.13 0.26 -12.37
CA CYS D 52 8.54 -0.54 -11.23
C CYS D 52 7.55 -1.67 -11.02
N ALA D 53 7.93 -2.60 -10.14
CA ALA D 53 7.13 -3.80 -9.90
C ALA D 53 6.11 -3.64 -8.79
N GLN D 54 6.14 -2.56 -8.02
CA GLN D 54 5.24 -2.36 -6.90
C GLN D 54 4.57 -1.01 -6.99
N SER D 55 3.25 -0.98 -6.76
CA SER D 55 2.53 0.28 -6.81
C SER D 55 2.98 1.22 -5.71
N SER D 56 3.39 0.68 -4.56
CA SER D 56 3.86 1.53 -3.47
C SER D 56 5.14 2.26 -3.86
N THR D 57 6.05 1.58 -4.53
CA THR D 57 7.29 2.21 -4.95
C THR D 57 7.04 3.28 -6.00
N LEU D 58 6.04 3.08 -6.86
CA LEU D 58 5.66 4.12 -7.82
C LEU D 58 5.11 5.35 -7.12
N THR D 59 4.35 5.14 -6.04
CA THR D 59 3.90 6.28 -5.24
C THR D 59 5.08 7.04 -4.67
N ARG D 60 6.10 6.32 -4.21
CA ARG D 60 7.32 6.96 -3.72
C ARG D 60 8.00 7.75 -4.84
N HIS D 61 8.09 7.16 -6.04
CA HIS D 61 8.68 7.88 -7.16
C HIS D 61 7.88 9.13 -7.49
N MET D 62 6.55 9.03 -7.45
CA MET D 62 5.72 10.18 -7.78
C MET D 62 5.94 11.35 -6.84
N LYS D 63 6.44 11.09 -5.63
CA LYS D 63 6.76 12.18 -4.72
C LYS D 63 7.86 13.08 -5.25
N THR D 64 8.67 12.61 -6.20
CA THR D 64 9.78 13.39 -6.72
C THR D 64 9.40 14.25 -7.93
N HIS D 65 8.17 14.16 -8.42
CA HIS D 65 7.72 15.01 -9.51
C HIS D 65 7.04 16.27 -9.03
N GLY D 66 7.04 16.53 -7.72
CA GLY D 66 6.44 17.73 -7.20
C GLY D 66 5.26 17.48 -6.30
N GLN D 67 5.48 17.57 -5.00
CA GLN D 67 4.40 17.46 -4.02
C GLN D 67 3.64 18.77 -3.92
N VAL D 68 2.32 18.67 -3.74
CA VAL D 68 1.49 19.86 -3.66
C VAL D 68 1.85 20.67 -2.43
N GLY D 69 1.92 22.00 -2.61
CA GLY D 69 2.28 22.90 -1.55
C GLY D 69 3.74 23.32 -1.52
N LYS D 70 4.57 22.79 -2.40
CA LYS D 70 5.98 23.13 -2.47
C LYS D 70 6.34 23.54 -3.89
N ASP D 71 7.31 24.43 -4.02
CA ASP D 71 7.74 24.91 -5.32
C ASP D 71 8.25 23.75 -6.17
N VAL D 72 7.91 23.77 -7.45
CA VAL D 72 8.20 22.68 -8.38
C VAL D 72 9.10 23.22 -9.48
N TYR D 73 10.23 22.54 -9.70
CA TYR D 73 11.18 22.94 -10.73
C TYR D 73 10.92 22.12 -11.99
N LYS D 74 10.77 22.80 -13.11
CA LYS D 74 10.55 22.16 -14.40
C LYS D 74 11.84 22.16 -15.20
N CYS D 75 12.07 21.07 -15.95
CA CYS D 75 13.27 20.98 -16.76
C CYS D 75 13.26 22.05 -17.84
N GLU D 76 14.42 22.70 -18.02
CA GLU D 76 14.50 23.78 -19.00
C GLU D 76 14.22 23.27 -20.41
N ILE D 77 14.58 22.03 -20.71
CA ILE D 77 14.45 21.50 -22.06
C ILE D 77 13.07 20.91 -22.27
N CYS D 78 12.73 19.87 -21.50
CA CYS D 78 11.52 19.09 -21.73
C CYS D 78 10.39 19.42 -20.76
N LYS D 79 10.59 20.35 -19.83
CA LYS D 79 9.54 20.82 -18.94
C LYS D 79 8.97 19.68 -18.09
N MET D 80 9.86 18.95 -17.44
CA MET D 80 9.48 17.87 -16.55
C MET D 80 9.55 18.32 -15.11
N PRO D 81 8.51 18.10 -14.31
CA PRO D 81 8.51 18.62 -12.94
C PRO D 81 9.39 17.78 -12.01
N PHE D 82 10.03 18.47 -11.07
CA PHE D 82 10.84 17.83 -10.05
C PHE D 82 10.66 18.56 -8.72
N SER D 83 10.61 17.80 -7.63
CA SER D 83 10.52 18.41 -6.31
C SER D 83 11.86 19.00 -5.89
N VAL D 84 12.95 18.28 -6.15
CA VAL D 84 14.27 18.64 -5.64
C VAL D 84 15.13 19.10 -6.81
N TYR D 85 15.79 20.25 -6.63
CA TYR D 85 16.58 20.82 -7.72
C TYR D 85 17.74 19.92 -8.11
N SER D 86 18.43 19.34 -7.12
CA SER D 86 19.53 18.44 -7.45
C SER D 86 19.05 17.25 -8.27
N THR D 87 17.82 16.79 -8.02
CA THR D 87 17.25 15.75 -8.86
C THR D 87 17.10 16.23 -10.30
N LEU D 88 16.63 17.46 -10.49
CA LEU D 88 16.52 18.01 -11.83
C LEU D 88 17.89 18.07 -12.49
N GLU D 89 18.92 18.42 -11.72
CA GLU D 89 20.28 18.44 -12.26
C GLU D 89 20.70 17.05 -12.71
N LYS D 90 20.40 16.02 -11.92
CA LYS D 90 20.73 14.66 -12.32
C LYS D 90 19.96 14.28 -13.58
N HIS D 91 18.71 14.74 -13.69
CA HIS D 91 17.94 14.50 -14.91
C HIS D 91 18.59 15.13 -16.12
N MET D 92 19.10 16.36 -15.97
CA MET D 92 19.76 17.03 -17.09
C MET D 92 20.95 16.24 -17.58
N LYS D 93 21.82 15.80 -16.67
CA LYS D 93 23.02 15.08 -17.07
C LYS D 93 22.68 13.73 -17.69
N LYS D 94 21.70 13.03 -17.13
CA LYS D 94 21.39 11.70 -17.63
C LYS D 94 20.75 11.75 -19.00
N TRP D 95 19.81 12.67 -19.22
CA TRP D 95 18.92 12.58 -20.37
C TRP D 95 19.12 13.66 -21.42
N HIS D 96 19.77 14.77 -21.10
CA HIS D 96 19.95 15.87 -22.05
C HIS D 96 21.43 16.16 -22.31
N SER D 97 22.27 15.14 -22.14
CA SER D 97 23.70 15.30 -22.44
C SER D 97 23.94 15.46 -23.94
N ASP D 98 23.09 14.88 -24.77
CA ASP D 98 23.30 14.93 -26.22
C ASP D 98 23.07 16.32 -26.79
N ARG D 99 22.44 17.22 -26.04
CA ARG D 99 22.12 18.56 -26.53
C ARG D 99 23.16 19.61 -26.15
N VAL D 100 24.26 19.20 -25.53
CA VAL D 100 25.33 20.15 -25.19
C VAL D 100 26.38 20.21 -26.30
#